data_4BQU
#
_entry.id   4BQU
#
_cell.length_a   80.180
_cell.length_b   133.600
_cell.length_c   71.280
_cell.angle_alpha   90.00
_cell.angle_beta   90.00
_cell.angle_gamma   90.00
#
_symmetry.space_group_name_H-M   'C 2 2 21'
#
loop_
_entity.id
_entity.type
_entity.pdbx_description
1 polymer JAPANIN
2 branched alpha-D-mannopyranose-(1-4)-2-acetamido-2-deoxy-beta-D-glucopyranose-(1-4)-[alpha-L-fucopyranose-(1-6)]2-acetamido-2-deoxy-beta-D-glucopyranose
3 branched alpha-L-fucopyranose-(1-6)-2-acetamido-2-deoxy-beta-D-glucopyranose
4 non-polymer CHOLESTEROL
5 non-polymer 1,2-ETHANEDIOL
6 non-polymer 2-acetamido-2-deoxy-beta-D-glucopyranose
7 non-polymer 'CHLORIDE ION'
8 water water
#
_entity_poly.entity_id   1
_entity_poly.type   'polypeptide(L)'
_entity_poly.pdbx_seq_one_letter_code
;TPSMPAINTQTLYLAGHSSKLFERNVGCVKTRYLNQTGDWVTRSLIYVFTFDTEPWVTQAGAFQVKWEPYSPLLRVKASD
YVRDNLGAKPDYFIRTYDNDFLLLSDLKEVRSTCSLWVTLKYVDRIPETINRTFYTICPDPVPVPFDERCYPGGHHHHHH
;
_entity_poly.pdbx_strand_id   A,B
#
# COMPACT_ATOMS: atom_id res chain seq x y z
N PRO A 2 15.91 4.05 -4.09
CA PRO A 2 15.74 2.81 -4.85
C PRO A 2 14.80 2.95 -6.04
N SER A 3 14.59 1.86 -6.79
CA SER A 3 13.74 1.84 -7.98
C SER A 3 12.26 1.60 -7.62
N MET A 4 11.38 2.43 -8.18
CA MET A 4 9.94 2.33 -8.03
C MET A 4 9.43 2.83 -9.40
N PRO A 5 8.39 2.18 -9.98
CA PRO A 5 8.03 2.47 -11.38
C PRO A 5 7.70 3.93 -11.77
N ALA A 6 7.11 4.71 -10.88
CA ALA A 6 6.77 6.09 -11.20
C ALA A 6 7.97 6.97 -11.52
N ILE A 7 9.15 6.64 -10.99
CA ILE A 7 10.38 7.42 -11.24
C ILE A 7 11.38 6.67 -12.14
N ASN A 8 11.05 5.42 -12.57
CA ASN A 8 11.88 4.65 -13.51
C ASN A 8 11.52 5.01 -14.95
N THR A 9 12.38 4.59 -15.90
CA THR A 9 12.27 4.96 -17.30
C THR A 9 11.28 4.14 -18.14
N GLN A 10 10.77 3.03 -17.62
CA GLN A 10 9.85 2.18 -18.37
C GLN A 10 8.46 2.79 -18.44
N THR A 11 7.78 2.60 -19.57
CA THR A 11 6.42 3.07 -19.76
C THR A 11 5.48 2.22 -18.90
N LEU A 12 4.43 2.84 -18.39
CA LEU A 12 3.39 2.15 -17.60
C LEU A 12 2.06 2.35 -18.27
N TYR A 13 1.28 1.31 -18.25
CA TYR A 13 -0.01 1.22 -18.88
C TYR A 13 -1.06 1.02 -17.80
N LEU A 14 -2.18 1.72 -17.90
CA LEU A 14 -3.28 1.59 -16.94
C LEU A 14 -3.94 0.23 -17.21
N ALA A 15 -3.87 -0.69 -16.20
CA ALA A 15 -4.44 -2.03 -16.26
C ALA A 15 -5.78 -2.17 -15.52
N GLY A 16 -6.08 -1.27 -14.60
CA GLY A 16 -7.32 -1.36 -13.86
C GLY A 16 -7.57 -0.12 -13.04
N HIS A 17 -8.81 0.05 -12.60
CA HIS A 17 -9.19 1.19 -11.78
C HIS A 17 -10.52 0.93 -11.06
N SER A 18 -10.79 1.72 -10.03
CA SER A 18 -12.08 1.69 -9.32
C SER A 18 -13.09 2.31 -10.29
N SER A 19 -14.27 1.72 -10.41
CA SER A 19 -15.30 2.17 -11.39
C SER A 19 -15.65 3.65 -11.33
N LYS A 20 -15.67 4.25 -10.13
CA LYS A 20 -15.98 5.69 -9.94
C LYS A 20 -15.09 6.61 -10.78
N LEU A 21 -13.82 6.22 -11.04
CA LEU A 21 -12.88 7.01 -11.83
C LEU A 21 -13.21 7.13 -13.30
N PHE A 22 -13.86 6.10 -13.89
CA PHE A 22 -14.22 6.05 -15.32
C PHE A 22 -14.47 7.40 -16.04
N GLU A 23 -13.86 7.58 -17.22
CA GLU A 23 -14.11 8.70 -18.12
C GLU A 23 -14.40 8.13 -19.48
N ARG A 24 -15.60 8.44 -20.02
CA ARG A 24 -16.09 7.94 -21.30
C ARG A 24 -15.16 8.29 -22.47
N ASN A 25 -14.86 7.31 -23.31
CA ASN A 25 -14.01 7.44 -24.50
C ASN A 25 -12.56 7.91 -24.23
N VAL A 26 -12.01 7.60 -23.05
CA VAL A 26 -10.61 7.90 -22.73
C VAL A 26 -9.96 6.54 -22.62
N GLY A 27 -9.24 6.15 -23.66
CA GLY A 27 -8.64 4.83 -23.76
C GLY A 27 -7.15 4.85 -24.01
N CYS A 28 -6.55 3.65 -24.00
CA CYS A 28 -5.15 3.43 -24.27
C CYS A 28 -4.29 4.34 -23.36
N VAL A 29 -4.64 4.40 -22.07
CA VAL A 29 -3.92 5.25 -21.11
C VAL A 29 -2.53 4.68 -20.77
N LYS A 30 -1.51 5.54 -20.89
CA LYS A 30 -0.16 5.18 -20.52
C LYS A 30 0.63 6.44 -20.16
N THR A 31 1.74 6.26 -19.47
CA THR A 31 2.65 7.29 -19.11
C THR A 31 4.07 6.92 -19.51
N ARG A 32 4.73 7.77 -20.30
CA ARG A 32 6.14 7.56 -20.63
C ARG A 32 7.03 8.46 -19.79
N TYR A 33 8.25 7.99 -19.51
CA TYR A 33 9.28 8.78 -18.87
C TYR A 33 9.86 9.73 -19.89
N LEU A 34 9.97 11.03 -19.56
CA LEU A 34 10.56 12.00 -20.47
C LEU A 34 11.92 12.40 -19.97
N ASN A 35 11.99 12.94 -18.75
CA ASN A 35 13.27 13.38 -18.18
C ASN A 35 13.22 13.64 -16.68
N GLN A 36 14.31 14.15 -16.12
CA GLN A 36 14.39 14.45 -14.69
C GLN A 36 15.23 15.72 -14.39
N THR A 37 14.73 16.56 -13.48
CA THR A 37 15.38 17.79 -13.03
C THR A 37 15.32 17.73 -11.53
N GLY A 38 16.46 17.49 -10.88
CA GLY A 38 16.53 17.29 -9.45
C GLY A 38 15.79 16.01 -9.05
N ASP A 39 14.90 16.11 -8.07
CA ASP A 39 14.07 15.00 -7.59
C ASP A 39 12.74 14.87 -8.36
N TRP A 40 12.45 15.82 -9.27
CA TRP A 40 11.21 15.77 -10.03
C TRP A 40 11.43 15.07 -11.38
N VAL A 41 10.67 14.00 -11.63
CA VAL A 41 10.69 13.23 -12.88
C VAL A 41 9.52 13.74 -13.75
N THR A 42 9.80 14.10 -14.98
CA THR A 42 8.73 14.53 -15.90
C THR A 42 8.33 13.31 -16.72
N ARG A 43 7.04 13.00 -16.68
CA ARG A 43 6.45 11.94 -17.47
C ARG A 43 5.37 12.57 -18.35
N SER A 44 4.95 11.84 -19.37
CA SER A 44 3.84 12.25 -20.22
C SER A 44 2.66 11.38 -19.85
N LEU A 45 1.44 11.88 -20.04
CA LEU A 45 0.24 11.06 -19.93
C LEU A 45 -0.29 11.03 -21.34
N ILE A 46 -0.22 9.84 -21.97
CA ILE A 46 -0.71 9.65 -23.31
C ILE A 46 -2.07 8.93 -23.20
N TYR A 47 -3.07 9.41 -23.96
CA TYR A 47 -4.39 8.78 -24.01
C TYR A 47 -4.97 8.99 -25.40
N VAL A 48 -5.95 8.17 -25.76
CA VAL A 48 -6.61 8.23 -27.05
C VAL A 48 -8.09 8.53 -26.84
N PHE A 49 -8.61 9.47 -27.63
CA PHE A 49 -10.01 9.84 -27.62
C PHE A 49 -10.70 8.83 -28.54
N THR A 50 -11.36 7.86 -27.93
CA THR A 50 -11.98 6.71 -28.59
C THR A 50 -13.37 7.00 -29.08
N PHE A 51 -13.47 7.60 -30.26
CA PHE A 51 -14.77 7.82 -30.86
C PHE A 51 -15.12 6.56 -31.64
N ASP A 52 -16.40 6.42 -32.03
CA ASP A 52 -16.88 5.25 -32.78
C ASP A 52 -17.97 5.68 -33.78
N THR A 53 -17.63 6.46 -34.83
CA THR A 53 -16.32 7.06 -35.13
C THR A 53 -16.49 8.54 -34.63
N GLU A 54 -15.78 9.61 -35.10
CA GLU A 54 -14.74 9.77 -36.14
C GLU A 54 -13.40 9.12 -35.71
N PRO A 55 -12.34 9.08 -36.55
CA PRO A 55 -11.05 8.46 -36.13
C PRO A 55 -10.51 8.85 -34.75
N TRP A 56 -9.79 7.91 -34.16
CA TRP A 56 -9.23 8.09 -32.84
C TRP A 56 -8.15 9.20 -32.81
N VAL A 57 -8.20 10.02 -31.73
CA VAL A 57 -7.30 11.16 -31.53
C VAL A 57 -6.33 10.90 -30.38
N THR A 58 -5.04 10.74 -30.71
CA THR A 58 -4.01 10.56 -29.69
C THR A 58 -3.75 11.95 -29.06
N GLN A 59 -3.68 11.99 -27.73
CA GLN A 59 -3.44 13.22 -26.97
C GLN A 59 -2.29 12.97 -26.00
N ALA A 60 -1.54 14.01 -25.66
CA ALA A 60 -0.42 13.91 -24.72
C ALA A 60 -0.33 15.17 -23.85
N GLY A 61 -0.28 14.98 -22.54
CA GLY A 61 -0.10 16.06 -21.57
C GLY A 61 1.01 15.69 -20.62
N ALA A 62 1.77 16.65 -20.09
CA ALA A 62 2.87 16.36 -19.17
C ALA A 62 2.52 16.60 -17.71
N PHE A 63 3.25 15.91 -16.85
CA PHE A 63 3.12 16.04 -15.40
C PHE A 63 4.44 15.61 -14.77
N GLN A 64 4.67 16.02 -13.52
CA GLN A 64 5.89 15.65 -12.81
C GLN A 64 5.58 14.91 -11.55
N VAL A 65 6.47 14.01 -11.15
CA VAL A 65 6.31 13.26 -9.93
C VAL A 65 7.56 13.33 -9.09
N LYS A 66 7.36 13.40 -7.76
CA LYS A 66 8.42 13.34 -6.77
C LYS A 66 8.15 12.14 -5.85
N TRP A 67 9.18 11.36 -5.54
CA TRP A 67 9.06 10.25 -4.59
C TRP A 67 10.25 10.29 -3.65
N GLU A 68 10.02 10.57 -2.36
CA GLU A 68 11.08 10.50 -1.36
C GLU A 68 11.30 9.00 -1.10
N PRO A 69 12.55 8.51 -0.98
CA PRO A 69 12.77 7.06 -0.79
C PRO A 69 11.94 6.39 0.31
N TYR A 70 11.30 5.28 -0.03
CA TYR A 70 10.43 4.49 0.85
C TYR A 70 9.22 5.25 1.35
N SER A 71 8.84 6.36 0.70
CA SER A 71 7.68 7.10 1.14
C SER A 71 6.39 6.44 0.78
N PRO A 72 5.35 6.49 1.63
CA PRO A 72 4.06 5.97 1.19
C PRO A 72 3.33 6.89 0.20
N LEU A 73 3.83 8.13 -0.07
CA LEU A 73 3.18 9.10 -0.94
C LEU A 73 3.95 9.41 -2.18
N LEU A 74 3.22 9.55 -3.27
CA LEU A 74 3.74 9.99 -4.54
C LEU A 74 3.20 11.40 -4.75
N ARG A 75 4.10 12.36 -4.88
CA ARG A 75 3.72 13.76 -5.19
C ARG A 75 3.54 13.88 -6.71
N VAL A 76 2.45 14.51 -7.12
CA VAL A 76 2.16 14.71 -8.54
C VAL A 76 1.95 16.19 -8.78
N LYS A 77 2.74 16.81 -9.67
CA LYS A 77 2.55 18.20 -10.10
C LYS A 77 2.01 18.15 -11.55
N ALA A 78 0.68 18.09 -11.69
CA ALA A 78 0.02 17.96 -12.99
C ALA A 78 -0.21 19.30 -13.63
N SER A 79 -0.25 19.31 -14.98
CA SER A 79 -0.57 20.52 -15.70
C SER A 79 -2.06 20.79 -15.56
N ASP A 80 -2.47 22.01 -15.90
CA ASP A 80 -3.88 22.43 -15.90
C ASP A 80 -4.73 21.53 -16.75
N TYR A 81 -4.22 21.13 -17.94
CA TYR A 81 -4.97 20.27 -18.85
CA TYR A 81 -5.00 20.26 -18.81
C TYR A 81 -5.18 18.90 -18.19
N VAL A 82 -4.08 18.24 -17.76
CA VAL A 82 -4.15 16.91 -17.13
C VAL A 82 -5.02 16.93 -15.87
N ARG A 83 -4.84 17.97 -15.03
CA ARG A 83 -5.59 18.17 -13.78
C ARG A 83 -7.11 18.38 -13.96
N ASP A 84 -7.51 19.32 -14.78
CA ASP A 84 -8.91 19.70 -14.96
C ASP A 84 -9.70 18.70 -15.82
N ASN A 85 -9.07 18.12 -16.84
CA ASN A 85 -9.68 17.18 -17.75
C ASN A 85 -9.64 15.69 -17.30
N LEU A 86 -8.56 15.23 -16.65
CA LEU A 86 -8.45 13.84 -16.20
C LEU A 86 -8.50 13.67 -14.67
N GLY A 87 -8.61 14.76 -13.93
CA GLY A 87 -8.77 14.71 -12.48
C GLY A 87 -7.54 14.33 -11.67
N ALA A 88 -6.33 14.52 -12.24
CA ALA A 88 -5.09 14.21 -11.52
C ALA A 88 -5.01 15.01 -10.22
N LYS A 89 -4.73 14.31 -9.11
CA LYS A 89 -4.64 14.88 -7.76
C LYS A 89 -3.18 15.20 -7.46
N PRO A 90 -2.91 16.05 -6.45
CA PRO A 90 -1.52 16.42 -6.17
C PRO A 90 -0.73 15.36 -5.39
N ASP A 91 -1.43 14.34 -4.89
CA ASP A 91 -0.81 13.25 -4.13
C ASP A 91 -1.59 11.99 -4.34
N TYR A 92 -0.86 10.87 -4.32
CA TYR A 92 -1.44 9.52 -4.32
C TYR A 92 -0.74 8.67 -3.27
N PHE A 93 -1.50 7.76 -2.71
CA PHE A 93 -0.94 6.81 -1.77
C PHE A 93 -0.44 5.59 -2.56
N ILE A 94 0.81 5.15 -2.31
CA ILE A 94 1.46 3.99 -2.96
C ILE A 94 1.12 2.78 -2.11
N ARG A 95 0.24 1.91 -2.58
CA ARG A 95 -0.15 0.73 -1.84
C ARG A 95 1.00 -0.30 -1.87
N THR A 96 1.40 -0.64 -3.09
CA THR A 96 2.47 -1.58 -3.33
C THR A 96 2.97 -1.50 -4.77
N TYR A 97 4.13 -2.12 -5.03
CA TYR A 97 4.75 -2.11 -6.34
C TYR A 97 5.89 -3.09 -6.44
N ASP A 98 6.39 -3.22 -7.66
CA ASP A 98 7.57 -4.00 -8.03
C ASP A 98 8.10 -3.27 -9.27
N ASN A 99 9.09 -3.82 -9.96
CA ASN A 99 9.61 -3.15 -11.15
C ASN A 99 8.57 -3.06 -12.29
N ASP A 100 7.63 -4.00 -12.33
CA ASP A 100 6.67 -4.07 -13.41
C ASP A 100 5.23 -3.71 -13.04
N PHE A 101 4.95 -3.25 -11.84
CA PHE A 101 3.59 -2.80 -11.49
C PHE A 101 3.59 -1.77 -10.38
N LEU A 102 2.54 -0.96 -10.35
CA LEU A 102 2.31 0.09 -9.37
C LEU A 102 0.81 0.20 -9.08
N LEU A 103 0.43 0.12 -7.79
CA LEU A 103 -0.95 0.24 -7.33
C LEU A 103 -1.05 1.52 -6.48
N LEU A 104 -1.81 2.51 -6.98
CA LEU A 104 -1.99 3.81 -6.32
C LEU A 104 -3.40 3.93 -5.81
N SER A 105 -3.60 4.71 -4.73
CA SER A 105 -4.92 5.00 -4.16
C SER A 105 -5.06 6.49 -3.95
N ASP A 106 -6.30 6.92 -3.86
CA ASP A 106 -6.66 8.31 -3.59
C ASP A 106 -6.45 8.54 -2.09
N LEU A 107 -5.62 9.51 -1.73
CA LEU A 107 -5.25 9.82 -0.36
C LEU A 107 -6.35 10.42 0.49
N LYS A 108 -7.11 11.37 -0.07
CA LYS A 108 -8.13 12.10 0.66
C LYS A 108 -9.46 11.40 0.71
N GLU A 109 -9.83 10.65 -0.31
CA GLU A 109 -11.12 9.97 -0.27
C GLU A 109 -11.06 8.85 0.78
N VAL A 110 -12.21 8.65 1.49
CA VAL A 110 -12.37 7.58 2.47
C VAL A 110 -12.60 6.27 1.66
N ARG A 111 -13.58 6.27 0.72
CA ARG A 111 -13.77 5.11 -0.17
C ARG A 111 -12.76 5.35 -1.31
N SER A 112 -11.47 5.12 -0.96
CA SER A 112 -10.27 5.41 -1.73
C SER A 112 -10.23 4.73 -3.11
N THR A 113 -10.32 5.53 -4.21
CA THR A 113 -10.29 4.95 -5.54
C THR A 113 -8.86 4.52 -5.89
N CYS A 114 -8.75 3.40 -6.61
CA CYS A 114 -7.52 2.76 -7.07
C CYS A 114 -7.26 3.02 -8.52
N SER A 115 -5.99 2.91 -8.90
CA SER A 115 -5.52 2.86 -10.26
C SER A 115 -4.34 1.88 -10.25
N LEU A 116 -4.39 0.85 -11.12
CA LEU A 116 -3.37 -0.18 -11.28
C LEU A 116 -2.61 0.05 -12.60
N TRP A 117 -1.27 0.10 -12.53
CA TRP A 117 -0.39 0.36 -13.65
C TRP A 117 0.58 -0.78 -13.83
N VAL A 118 0.84 -1.18 -15.08
CA VAL A 118 1.76 -2.30 -15.39
C VAL A 118 2.68 -1.90 -16.52
N THR A 119 3.84 -2.54 -16.61
CA THR A 119 4.74 -2.37 -17.76
C THR A 119 4.21 -3.26 -18.90
N LEU A 120 4.69 -3.02 -20.12
CA LEU A 120 4.24 -3.75 -21.33
C LEU A 120 4.11 -5.28 -21.21
N LYS A 121 5.03 -6.00 -20.58
CA LYS A 121 4.79 -7.45 -20.49
C LYS A 121 3.39 -7.87 -19.86
N TYR A 122 2.69 -7.01 -19.07
CA TYR A 122 1.46 -7.50 -18.43
C TYR A 122 0.11 -6.92 -18.92
N VAL A 123 0.06 -6.24 -20.09
CA VAL A 123 -1.21 -5.70 -20.59
C VAL A 123 -2.24 -6.79 -20.97
N ASP A 124 -1.79 -7.92 -21.51
CA ASP A 124 -2.69 -9.03 -21.90
C ASP A 124 -3.14 -9.87 -20.70
N ARG A 125 -2.27 -9.92 -19.67
CA ARG A 125 -2.54 -10.66 -18.46
C ARG A 125 -1.64 -10.22 -17.31
N ILE A 126 -2.33 -9.83 -16.32
CA ILE A 126 -1.81 -9.44 -15.02
C ILE A 126 -1.56 -10.69 -14.18
N PRO A 127 -0.41 -10.69 -13.46
CA PRO A 127 -0.09 -11.84 -12.56
C PRO A 127 -1.14 -12.05 -11.45
N GLU A 128 -1.43 -13.33 -11.08
CA GLU A 128 -2.46 -13.65 -10.09
C GLU A 128 -2.26 -12.92 -8.80
N THR A 129 -1.00 -12.64 -8.41
CA THR A 129 -0.69 -11.97 -7.15
C THR A 129 -1.12 -10.52 -7.17
N ILE A 130 -0.79 -9.84 -8.28
CA ILE A 130 -1.12 -8.43 -8.50
C ILE A 130 -2.61 -8.31 -8.61
N ASN A 131 -3.22 -9.17 -9.40
CA ASN A 131 -4.66 -9.19 -9.59
C ASN A 131 -5.39 -9.41 -8.27
N ARG A 132 -4.88 -10.30 -7.40
CA ARG A 132 -5.51 -10.61 -6.12
C ARG A 132 -5.44 -9.42 -5.18
N THR A 133 -4.31 -8.72 -5.13
CA THR A 133 -4.16 -7.54 -4.31
C THR A 133 -5.16 -6.46 -4.77
N PHE A 134 -5.24 -6.22 -6.10
CA PHE A 134 -6.13 -5.23 -6.71
C PHE A 134 -7.58 -5.52 -6.33
N TYR A 135 -8.04 -6.74 -6.53
CA TYR A 135 -9.42 -7.10 -6.20
C TYR A 135 -9.75 -7.14 -4.67
N THR A 136 -8.75 -7.22 -3.79
CA THR A 136 -8.98 -7.28 -2.36
C THR A 136 -9.10 -5.93 -1.72
N ILE A 137 -8.14 -5.03 -2.00
CA ILE A 137 -8.04 -3.75 -1.33
C ILE A 137 -8.68 -2.59 -2.09
N CYS A 138 -9.10 -2.79 -3.34
CA CYS A 138 -9.68 -1.70 -4.10
C CYS A 138 -11.17 -1.77 -4.20
N PRO A 139 -11.87 -0.63 -3.99
CA PRO A 139 -13.34 -0.66 -4.16
C PRO A 139 -13.73 -0.65 -5.64
N ASP A 140 -14.80 -1.40 -6.00
CA ASP A 140 -15.36 -1.49 -7.37
C ASP A 140 -14.27 -1.70 -8.42
N PRO A 141 -13.40 -2.72 -8.26
CA PRO A 141 -12.33 -2.91 -9.22
C PRO A 141 -12.80 -3.30 -10.62
N VAL A 142 -12.42 -2.50 -11.61
CA VAL A 142 -12.76 -2.68 -13.03
C VAL A 142 -11.45 -2.84 -13.77
N PRO A 143 -11.20 -3.99 -14.39
CA PRO A 143 -9.97 -4.12 -15.20
C PRO A 143 -10.14 -3.34 -16.50
N VAL A 144 -9.04 -2.86 -17.13
CA VAL A 144 -9.10 -2.21 -18.45
C VAL A 144 -9.10 -3.36 -19.44
N PRO A 145 -10.08 -3.48 -20.37
CA PRO A 145 -10.03 -4.60 -21.31
C PRO A 145 -8.93 -4.40 -22.34
N PHE A 146 -8.33 -5.54 -22.71
CA PHE A 146 -7.27 -5.69 -23.69
C PHE A 146 -7.83 -5.29 -25.06
N ASP A 147 -7.08 -4.44 -25.77
CA ASP A 147 -7.44 -3.92 -27.06
C ASP A 147 -6.15 -3.78 -27.87
N GLU A 148 -6.00 -4.62 -28.91
CA GLU A 148 -4.83 -4.58 -29.78
C GLU A 148 -4.61 -3.22 -30.45
N ARG A 149 -5.66 -2.38 -30.69
CA ARG A 149 -5.42 -1.02 -31.24
C ARG A 149 -4.57 -0.10 -30.36
N CYS A 150 -4.49 -0.35 -29.04
CA CYS A 150 -3.71 0.48 -28.11
C CYS A 150 -2.20 0.26 -28.18
N TYR A 151 -1.76 -0.91 -28.66
CA TYR A 151 -0.34 -1.25 -28.74
C TYR A 151 -0.19 -2.33 -29.77
N PRO A 152 -0.28 -1.99 -31.08
CA PRO A 152 -0.20 -3.04 -32.10
C PRO A 152 1.15 -3.76 -32.02
N GLY A 153 1.12 -5.00 -31.55
CA GLY A 153 2.31 -5.84 -31.38
C GLY A 153 1.96 -7.17 -30.70
N PRO B 2 -16.08 -4.23 4.62
CA PRO B 2 -15.48 -5.54 4.36
C PRO B 2 -14.51 -5.97 5.44
N SER B 3 -13.93 -7.17 5.29
CA SER B 3 -12.99 -7.74 6.28
C SER B 3 -11.55 -7.26 6.00
N MET B 4 -10.91 -6.69 7.04
CA MET B 4 -9.51 -6.25 7.05
C MET B 4 -8.98 -6.81 8.41
N PRO B 5 -7.76 -7.40 8.49
CA PRO B 5 -7.33 -8.07 9.75
C PRO B 5 -7.36 -7.26 11.06
N ALA B 6 -7.08 -5.96 11.00
CA ALA B 6 -7.07 -5.15 12.20
C ALA B 6 -8.42 -5.09 12.92
N ILE B 7 -9.53 -5.27 12.19
CA ILE B 7 -10.88 -5.24 12.78
C ILE B 7 -11.52 -6.63 12.85
N ASN B 8 -10.83 -7.69 12.37
CA ASN B 8 -11.33 -9.08 12.46
C ASN B 8 -10.92 -9.70 13.79
N THR B 9 -11.52 -10.84 14.12
CA THR B 9 -11.34 -11.51 15.41
C THR B 9 -10.08 -12.34 15.57
N GLN B 10 -9.37 -12.63 14.49
CA GLN B 10 -8.19 -13.47 14.55
C GLN B 10 -7.00 -12.72 15.15
N THR B 11 -6.17 -13.43 15.92
CA THR B 11 -4.96 -12.85 16.49
C THR B 11 -3.95 -12.59 15.37
N LEU B 12 -3.15 -11.55 15.51
CA LEU B 12 -2.09 -11.22 14.57
C LEU B 12 -0.77 -11.18 15.30
N TYR B 13 0.24 -11.68 14.65
CA TYR B 13 1.58 -11.81 15.16
C TYR B 13 2.50 -10.94 14.36
N LEU B 14 3.40 -10.21 15.01
CA LEU B 14 4.39 -9.36 14.32
C LEU B 14 5.38 -10.30 13.67
N ALA B 15 5.44 -10.29 12.33
CA ALA B 15 6.34 -11.12 11.52
C ALA B 15 7.59 -10.36 11.02
N GLY B 16 7.54 -9.04 10.97
CA GLY B 16 8.68 -8.27 10.51
C GLY B 16 8.49 -6.78 10.74
N HIS B 17 9.59 -6.03 10.65
CA HIS B 17 9.56 -4.59 10.82
C HIS B 17 10.82 -3.93 10.26
N SER B 18 10.76 -2.61 10.05
CA SER B 18 11.92 -1.81 9.63
C SER B 18 12.82 -1.73 10.82
N SER B 19 14.14 -1.90 10.65
CA SER B 19 15.11 -1.94 11.76
C SER B 19 15.05 -0.75 12.72
N LYS B 20 14.76 0.46 12.22
CA LYS B 20 14.67 1.67 13.05
C LYS B 20 13.66 1.54 14.21
N LEU B 21 12.58 0.73 14.03
CA LEU B 21 11.56 0.50 15.06
C LEU B 21 12.04 -0.30 16.26
N PHE B 22 13.00 -1.22 16.06
CA PHE B 22 13.55 -2.10 17.10
C PHE B 22 13.53 -1.58 18.55
N GLU B 23 13.05 -2.42 19.48
CA GLU B 23 13.11 -2.16 20.91
C GLU B 23 13.72 -3.38 21.54
N ARG B 24 14.85 -3.17 22.25
CA ARG B 24 15.64 -4.24 22.87
C ARG B 24 14.81 -5.06 23.87
N ASN B 25 14.88 -6.39 23.77
CA ASN B 25 14.20 -7.36 24.61
C ASN B 25 12.66 -7.25 24.63
N VAL B 26 12.05 -6.83 23.53
CA VAL B 26 10.60 -6.81 23.37
C VAL B 26 10.30 -7.86 22.31
N GLY B 27 9.85 -9.02 22.75
CA GLY B 27 9.60 -10.17 21.87
C GLY B 27 8.21 -10.73 21.93
N CYS B 28 7.96 -11.71 21.05
CA CYS B 28 6.69 -12.44 20.97
C CYS B 28 5.49 -11.50 20.88
N VAL B 29 5.63 -10.46 20.05
CA VAL B 29 4.60 -9.44 19.88
C VAL B 29 3.36 -9.99 19.13
N LYS B 30 2.18 -9.77 19.71
CA LYS B 30 0.92 -10.16 19.08
C LYS B 30 -0.19 -9.29 19.60
N THR B 31 -1.33 -9.35 18.89
CA THR B 31 -2.49 -8.58 19.28
C THR B 31 -3.75 -9.40 19.15
N ARG B 32 -4.46 -9.56 20.24
CA ARG B 32 -5.72 -10.29 20.22
C ARG B 32 -6.91 -9.38 20.12
N TYR B 33 -7.99 -9.86 19.51
CA TYR B 33 -9.26 -9.16 19.46
C TYR B 33 -9.93 -9.34 20.80
N LEU B 34 -10.40 -8.25 21.43
CA LEU B 34 -11.12 -8.35 22.70
C LEU B 34 -12.57 -8.11 22.48
N ASN B 35 -12.93 -6.94 21.94
CA ASN B 35 -14.35 -6.62 21.71
C ASN B 35 -14.55 -5.43 20.75
N GLN B 36 -15.80 -5.01 20.59
CA GLN B 36 -16.13 -3.89 19.71
C GLN B 36 -17.31 -3.06 20.26
N THR B 37 -17.18 -1.73 20.17
CA THR B 37 -18.21 -0.77 20.59
C THR B 37 -18.31 0.20 19.43
N GLY B 38 -19.40 0.11 18.67
CA GLY B 38 -19.59 0.90 17.48
C GLY B 38 -18.59 0.49 16.41
N ASP B 39 -17.88 1.47 15.83
CA ASP B 39 -16.84 1.25 14.83
C ASP B 39 -15.46 1.04 15.44
N TRP B 40 -15.32 1.19 16.78
CA TRP B 40 -14.03 1.00 17.45
C TRP B 40 -13.89 -0.43 17.95
N VAL B 41 -12.83 -1.12 17.50
CA VAL B 41 -12.50 -2.49 17.90
C VAL B 41 -11.40 -2.39 18.98
N THR B 42 -11.60 -3.04 20.11
CA THR B 42 -10.59 -3.06 21.17
C THR B 42 -9.78 -4.34 21.02
N ARG B 43 -8.46 -4.21 20.96
CA ARG B 43 -7.54 -5.31 20.89
C ARG B 43 -6.53 -5.14 22.01
N SER B 44 -5.82 -6.20 22.30
CA SER B 44 -4.76 -6.18 23.30
C SER B 44 -3.45 -6.20 22.54
N LEU B 45 -2.39 -5.66 23.14
CA LEU B 45 -1.05 -5.82 22.61
C LEU B 45 -0.35 -6.64 23.66
N ILE B 46 0.03 -7.85 23.31
CA ILE B 46 0.76 -8.74 24.20
C ILE B 46 2.22 -8.80 23.73
N TYR B 47 3.14 -8.78 24.69
CA TYR B 47 4.56 -8.95 24.40
CA TYR B 47 4.58 -8.84 24.43
C TYR B 47 5.29 -9.50 25.60
N VAL B 48 6.49 -10.08 25.32
CA VAL B 48 7.37 -10.73 26.29
C VAL B 48 8.65 -9.92 26.54
N PHE B 49 8.94 -9.56 27.83
CA PHE B 49 10.19 -8.89 28.20
C PHE B 49 11.23 -10.02 28.23
N THR B 50 12.01 -10.12 27.17
CA THR B 50 12.97 -11.19 26.92
C THR B 50 14.29 -10.95 27.58
N PHE B 51 14.40 -11.30 28.86
CA PHE B 51 15.69 -11.19 29.54
C PHE B 51 16.41 -12.52 29.30
N ASP B 52 17.73 -12.55 29.57
CA ASP B 52 18.56 -13.74 29.36
C ASP B 52 19.64 -13.83 30.45
N THR B 53 19.28 -14.04 31.73
CA THR B 53 17.92 -14.13 32.29
C THR B 53 17.70 -12.71 32.91
N GLU B 54 16.83 -12.43 33.93
CA GLU B 54 15.93 -13.26 34.75
C GLU B 54 14.72 -13.79 33.94
N PRO B 55 13.81 -14.64 34.49
CA PRO B 55 12.65 -15.13 33.73
C PRO B 55 11.85 -14.12 32.92
N TRP B 56 11.23 -14.58 31.81
CA TRP B 56 10.57 -13.70 30.86
C TRP B 56 9.22 -13.24 31.39
N VAL B 57 8.97 -11.95 31.25
CA VAL B 57 7.80 -11.27 31.79
C VAL B 57 6.78 -10.97 30.69
N THR B 58 5.63 -11.67 30.73
CA THR B 58 4.54 -11.42 29.77
C THR B 58 3.85 -10.12 30.20
N GLN B 59 3.59 -9.24 29.23
CA GLN B 59 2.94 -7.96 29.47
C GLN B 59 1.75 -7.84 28.52
N ALA B 60 0.70 -7.11 28.93
CA ALA B 60 -0.47 -6.86 28.08
C ALA B 60 -1.02 -5.45 28.30
N GLY B 61 -1.22 -4.71 27.20
CA GLY B 61 -1.82 -3.38 27.20
C GLY B 61 -2.93 -3.32 26.17
N ALA B 62 -3.97 -2.48 26.36
CA ALA B 62 -5.05 -2.36 25.38
C ALA B 62 -4.96 -1.11 24.50
N PHE B 63 -5.59 -1.22 23.32
CA PHE B 63 -5.69 -0.12 22.35
C PHE B 63 -6.90 -0.37 21.47
N GLN B 64 -7.41 0.69 20.81
CA GLN B 64 -8.56 0.57 19.94
C GLN B 64 -8.22 0.99 18.54
N VAL B 65 -8.88 0.37 17.55
CA VAL B 65 -8.68 0.74 16.16
C VAL B 65 -10.00 0.97 15.48
N LYS B 66 -10.00 1.84 14.50
CA LYS B 66 -11.16 2.14 13.69
C LYS B 66 -10.65 2.15 12.27
N TRP B 67 -11.44 1.60 11.37
CA TRP B 67 -11.13 1.52 9.93
C TRP B 67 -12.39 1.85 9.16
N GLU B 68 -12.38 2.97 8.40
CA GLU B 68 -13.51 3.31 7.53
C GLU B 68 -13.34 2.41 6.30
N PRO B 69 -14.40 1.82 5.74
CA PRO B 69 -14.25 0.91 4.58
C PRO B 69 -13.40 1.42 3.42
N TYR B 70 -12.45 0.59 2.98
CA TYR B 70 -11.50 0.89 1.91
C TYR B 70 -10.62 2.09 2.19
N SER B 71 -10.49 2.51 3.45
CA SER B 71 -9.64 3.65 3.76
C SER B 71 -8.17 3.29 3.71
N PRO B 72 -7.30 4.19 3.24
CA PRO B 72 -5.86 3.89 3.33
C PRO B 72 -5.29 4.03 4.75
N LEU B 73 -6.07 4.55 5.73
CA LEU B 73 -5.61 4.79 7.08
C LEU B 73 -6.29 3.96 8.12
N LEU B 74 -5.50 3.52 9.07
CA LEU B 74 -5.96 2.82 10.25
C LEU B 74 -5.80 3.77 11.41
N ARG B 75 -6.91 4.11 12.10
CA ARG B 75 -6.88 4.96 13.27
C ARG B 75 -6.56 4.07 14.50
N VAL B 76 -5.56 4.46 15.31
CA VAL B 76 -5.15 3.74 16.52
C VAL B 76 -5.28 4.64 17.77
N LYS B 77 -6.22 4.33 18.71
CA LYS B 77 -6.38 5.05 19.97
C LYS B 77 -5.67 4.20 21.04
N ALA B 78 -4.36 4.42 21.21
CA ALA B 78 -3.52 3.66 22.14
C ALA B 78 -3.56 4.22 23.53
N SER B 79 -3.34 3.36 24.55
CA SER B 79 -3.24 3.80 25.92
C SER B 79 -1.90 4.52 26.09
N ASP B 80 -1.77 5.34 27.15
CA ASP B 80 -0.50 6.05 27.37
C ASP B 80 0.66 5.09 27.76
N TYR B 81 0.39 3.88 28.28
CA TYR B 81 1.50 2.94 28.47
C TYR B 81 1.95 2.45 27.10
N VAL B 82 1.00 2.18 26.19
CA VAL B 82 1.34 1.69 24.84
C VAL B 82 1.97 2.79 23.98
N ARG B 83 1.53 4.08 24.13
CA ARG B 83 2.10 5.18 23.36
C ARG B 83 3.51 5.43 23.77
N ASP B 84 3.72 5.59 25.07
CA ASP B 84 5.00 6.05 25.61
C ASP B 84 6.09 4.99 25.59
N ASN B 85 5.73 3.73 25.88
CA ASN B 85 6.66 2.62 25.96
C ASN B 85 6.93 1.89 24.64
N LEU B 86 5.91 1.72 23.76
CA LEU B 86 6.08 1.03 22.49
C LEU B 86 5.98 1.94 21.26
N GLY B 87 5.73 3.21 21.46
CA GLY B 87 5.72 4.18 20.37
C GLY B 87 4.55 4.11 19.42
N ALA B 88 3.40 3.54 19.86
CA ALA B 88 2.20 3.46 19.02
C ALA B 88 1.76 4.85 18.61
N LYS B 89 1.54 5.04 17.30
CA LYS B 89 1.14 6.30 16.70
C LYS B 89 -0.38 6.33 16.57
N PRO B 90 -0.99 7.52 16.42
CA PRO B 90 -2.45 7.56 16.31
C PRO B 90 -3.02 7.14 14.95
N ASP B 91 -2.16 6.97 13.95
CA ASP B 91 -2.54 6.56 12.62
C ASP B 91 -1.44 5.79 11.97
N TYR B 92 -1.83 4.83 11.11
CA TYR B 92 -0.92 4.07 10.25
C TYR B 92 -1.48 3.99 8.84
N PHE B 93 -0.58 3.96 7.84
CA PHE B 93 -0.99 3.72 6.48
C PHE B 93 -1.09 2.20 6.23
N ILE B 94 -2.15 1.77 5.60
CA ILE B 94 -2.39 0.38 5.22
C ILE B 94 -1.85 0.18 3.81
N ARG B 95 -0.72 -0.52 3.66
CA ARG B 95 -0.11 -0.74 2.36
C ARG B 95 -0.94 -1.77 1.58
N THR B 96 -1.09 -2.93 2.20
CA THR B 96 -1.84 -4.04 1.64
C THR B 96 -2.17 -5.06 2.70
N TYR B 97 -3.09 -5.98 2.36
CA TYR B 97 -3.55 -7.00 3.28
C TYR B 97 -4.38 -8.05 2.58
N ASP B 98 -4.70 -9.08 3.34
CA ASP B 98 -5.59 -10.17 2.97
C ASP B 98 -6.17 -10.61 4.33
N ASN B 99 -6.91 -11.71 4.37
CA ASN B 99 -7.46 -12.19 5.65
C ASN B 99 -6.37 -12.60 6.65
N ASP B 100 -5.21 -13.03 6.13
CA ASP B 100 -4.14 -13.56 6.97
C ASP B 100 -2.89 -12.70 7.08
N PHE B 101 -2.87 -11.51 6.52
CA PHE B 101 -1.71 -10.61 6.71
C PHE B 101 -2.10 -9.16 6.58
N LEU B 102 -1.29 -8.29 7.21
CA LEU B 102 -1.46 -6.84 7.21
C LEU B 102 -0.08 -6.19 7.22
N LEU B 103 0.17 -5.29 6.26
CA LEU B 103 1.40 -4.52 6.13
C LEU B 103 1.08 -3.03 6.37
N LEU B 104 1.59 -2.47 7.48
CA LEU B 104 1.34 -1.09 7.87
C LEU B 104 2.60 -0.26 7.73
N SER B 105 2.45 1.05 7.46
CA SER B 105 3.57 2.01 7.36
C SER B 105 3.28 3.22 8.20
N ASP B 106 4.36 3.89 8.62
CA ASP B 106 4.27 5.16 9.33
C ASP B 106 3.77 6.29 8.40
N LEU B 107 3.22 7.41 8.96
CA LEU B 107 2.77 8.58 8.16
C LEU B 107 3.91 9.59 7.76
N LYS B 108 5.16 9.39 8.28
CA LYS B 108 6.37 10.12 7.87
C LYS B 108 6.64 9.86 6.40
N GLU B 109 7.00 10.88 5.58
CA GLU B 109 7.36 10.59 4.18
C GLU B 109 8.78 9.99 4.13
N VAL B 110 9.80 10.74 4.55
CA VAL B 110 11.18 10.25 4.51
C VAL B 110 11.44 9.04 5.48
N ARG B 111 11.84 7.89 4.86
CA ARG B 111 12.18 6.58 5.44
C ARG B 111 11.07 6.00 6.38
N SER B 112 9.84 6.02 5.86
CA SER B 112 8.65 5.50 6.53
C SER B 112 8.89 4.07 7.00
N THR B 113 8.64 3.79 8.25
CA THR B 113 8.90 2.48 8.81
C THR B 113 7.69 1.58 8.66
N CYS B 114 7.94 0.29 8.44
CA CYS B 114 6.95 -0.77 8.19
CA CYS B 114 6.82 -0.62 8.31
C CYS B 114 6.84 -1.68 9.43
N SER B 115 5.71 -2.35 9.54
CA SER B 115 5.43 -3.42 10.47
C SER B 115 4.55 -4.42 9.70
N LEU B 116 4.97 -5.71 9.66
CA LEU B 116 4.27 -6.80 8.98
C LEU B 116 3.63 -7.72 10.04
N TRP B 117 2.32 -8.01 9.89
CA TRP B 117 1.53 -8.81 10.81
C TRP B 117 0.93 -9.98 10.08
N VAL B 118 0.93 -11.16 10.69
CA VAL B 118 0.35 -12.38 10.09
C VAL B 118 -0.52 -13.10 11.09
N THR B 119 -1.47 -13.88 10.63
CA THR B 119 -2.25 -14.78 11.48
C THR B 119 -1.41 -16.01 11.75
N LEU B 120 -1.79 -16.80 12.75
CA LEU B 120 -1.07 -18.04 13.15
C LEU B 120 -0.80 -18.97 11.94
N LYS B 121 -1.74 -18.94 10.97
CA LYS B 121 -1.71 -19.59 9.63
C LYS B 121 -0.35 -19.42 8.91
N TYR B 122 0.23 -18.21 9.00
CA TYR B 122 1.50 -17.90 8.37
C TYR B 122 2.67 -17.74 9.34
N VAL B 123 2.46 -17.76 10.68
CA VAL B 123 3.54 -17.60 11.66
C VAL B 123 4.67 -18.61 11.38
N ASP B 124 5.90 -18.14 11.18
CA ASP B 124 7.10 -18.96 10.93
C ASP B 124 7.10 -19.63 9.58
N ARG B 125 6.30 -19.13 8.62
CA ARG B 125 6.30 -19.61 7.25
C ARG B 125 5.63 -18.55 6.36
N ILE B 126 6.22 -17.32 6.24
CA ILE B 126 5.57 -16.28 5.48
C ILE B 126 5.62 -16.70 3.99
N PRO B 127 4.47 -16.80 3.29
CA PRO B 127 4.52 -17.05 1.85
C PRO B 127 5.43 -16.06 1.10
N GLU B 128 5.96 -16.51 -0.02
CA GLU B 128 6.89 -15.75 -0.86
C GLU B 128 6.34 -14.44 -1.36
N THR B 129 5.03 -14.35 -1.59
CA THR B 129 4.42 -13.13 -2.11
C THR B 129 4.42 -12.01 -1.10
N ILE B 130 4.05 -12.34 0.14
CA ILE B 130 3.98 -11.40 1.26
C ILE B 130 5.40 -10.99 1.59
N ASN B 131 6.30 -11.95 1.68
CA ASN B 131 7.70 -11.70 1.96
C ASN B 131 8.33 -10.79 0.89
N ARG B 132 7.98 -10.98 -0.39
CA ARG B 132 8.53 -10.17 -1.48
C ARG B 132 8.05 -8.73 -1.38
N THR B 133 6.77 -8.51 -1.08
CA THR B 133 6.21 -7.18 -0.91
C THR B 133 6.93 -6.46 0.22
N PHE B 134 7.09 -7.14 1.38
CA PHE B 134 7.74 -6.61 2.56
C PHE B 134 9.18 -6.18 2.25
N TYR B 135 9.96 -7.05 1.63
CA TYR B 135 11.35 -6.71 1.29
C TYR B 135 11.50 -5.63 0.18
N THR B 136 10.46 -5.38 -0.63
CA THR B 136 10.55 -4.40 -1.71
C THR B 136 10.24 -3.00 -1.26
N ILE B 137 9.10 -2.83 -0.57
CA ILE B 137 8.60 -1.51 -0.22
C ILE B 137 8.96 -1.04 1.19
N CYS B 138 9.54 -1.91 2.03
CA CYS B 138 9.87 -1.49 3.37
CA CYS B 138 9.86 -1.56 3.42
C CYS B 138 11.35 -1.20 3.54
N PRO B 139 11.72 -0.04 4.15
CA PRO B 139 13.15 0.24 4.37
C PRO B 139 13.71 -0.63 5.51
N ASP B 140 14.96 -1.10 5.38
CA ASP B 140 15.68 -1.91 6.38
C ASP B 140 14.83 -3.05 6.95
N PRO B 141 14.25 -3.90 6.08
CA PRO B 141 13.37 -4.96 6.57
C PRO B 141 14.08 -6.02 7.41
N VAL B 142 13.55 -6.24 8.60
CA VAL B 142 14.03 -7.17 9.60
C VAL B 142 12.90 -8.13 9.85
N PRO B 143 13.10 -9.44 9.58
CA PRO B 143 12.06 -10.41 9.96
C PRO B 143 12.14 -10.72 11.43
N VAL B 144 11.01 -11.07 12.03
CA VAL B 144 11.03 -11.43 13.44
C VAL B 144 10.65 -12.90 13.58
N PRO B 145 11.53 -13.71 14.17
CA PRO B 145 11.14 -15.12 14.43
C PRO B 145 10.09 -15.26 15.56
N PHE B 146 9.37 -16.39 15.62
CA PHE B 146 8.41 -16.65 16.72
C PHE B 146 8.76 -18.00 17.34
N ASP B 147 9.64 -17.98 18.37
CA ASP B 147 10.08 -19.20 19.10
C ASP B 147 8.89 -19.86 19.85
N GLU B 148 8.99 -21.17 20.18
CA GLU B 148 7.88 -21.86 20.86
C GLU B 148 7.65 -21.44 22.33
N ARG B 149 8.71 -21.02 23.09
CA ARG B 149 8.55 -20.56 24.49
C ARG B 149 7.63 -19.33 24.61
N CYS B 150 7.59 -18.47 23.55
CA CYS B 150 6.72 -17.28 23.45
C CYS B 150 5.34 -17.45 24.16
#